data_3D2Z
#
_entry.id   3D2Z
#
_cell.length_a   89.160
_cell.length_b   89.160
_cell.length_c   183.640
_cell.angle_alpha   90.00
_cell.angle_beta   90.00
_cell.angle_gamma   120.00
#
_symmetry.space_group_name_H-M   'P 61 2 2'
#
loop_
_entity.id
_entity.type
_entity.pdbx_description
1 polymer 'N-acetylmuramoyl-L-alanine amidase amiD'
2 polymer 'L-Ala-D-gamma-Glu-L-Lys peptide'
3 non-polymer 'ZINC ION'
4 non-polymer 'CHLORIDE ION'
5 water water
#
loop_
_entity_poly.entity_id
_entity_poly.type
_entity_poly.pdbx_seq_one_letter_code
_entity_poly.pdbx_strand_id
1 'polypeptide(L)'
;MGAGEKGIVEKEGYQLDTRRQAQAAYPRIKVLVIHYTADDFDSSLATLTDKQVSSHYLVPAVPPRYNGKPRIWQLVPEQE
LAWHAGISAWRGATRLNDTSIGIELENRGWQKSAGVKYFAPFEPAQIQALIPLAKDIIARYHIKPENVVAHADIAPQRKD
DPGPLFPWQQLAQQGIGAWPDAQRVNFYLAGRAPHTPVDTASLLELLARYGYDVKPDMTPREQRRVIMAFQMHFRPTLYN
GEADAETQAIAEALLEKYGQD
;
A
2 'polypeptide(L)' A(FGA)K B
#
loop_
_chem_comp.id
_chem_comp.type
_chem_comp.name
_chem_comp.formula
CL non-polymer 'CHLORIDE ION' 'Cl -1'
FGA D-gamma-peptide, C-delta linking 'GAMMA-D-GLUTAMIC ACID' 'C5 H9 N O4'
ZN non-polymer 'ZINC ION' 'Zn 2'
#
# COMPACT_ATOMS: atom_id res chain seq x y z
N LYS A 6 9.87 -5.53 -40.29
CA LYS A 6 8.81 -4.69 -40.93
C LYS A 6 7.76 -4.21 -39.90
N GLY A 7 7.88 -2.95 -39.48
CA GLY A 7 6.88 -2.31 -38.65
C GLY A 7 6.61 -0.92 -39.20
N ILE A 8 5.87 -0.87 -40.31
CA ILE A 8 5.53 0.40 -40.92
C ILE A 8 4.01 0.60 -40.81
N VAL A 9 3.60 1.52 -39.94
CA VAL A 9 2.17 1.77 -39.73
C VAL A 9 1.68 3.00 -40.52
N GLU A 10 0.64 2.81 -41.34
CA GLU A 10 0.06 3.94 -42.07
C GLU A 10 -0.74 4.77 -41.12
N LYS A 11 -0.40 6.05 -41.03
CA LYS A 11 -1.24 6.99 -40.28
C LYS A 11 -1.76 8.10 -41.18
N GLU A 12 -2.67 8.90 -40.65
CA GLU A 12 -3.25 9.98 -41.41
C GLU A 12 -2.27 11.17 -41.36
N GLY A 13 -1.66 11.48 -42.51
CA GLY A 13 -0.69 12.57 -42.64
C GLY A 13 0.79 12.24 -42.47
N TYR A 14 1.11 10.97 -42.23
CA TYR A 14 2.47 10.48 -41.95
C TYR A 14 2.47 8.97 -41.78
N GLN A 15 3.65 8.37 -41.70
CA GLN A 15 3.76 6.95 -41.45
C GLN A 15 4.83 6.70 -40.38
N LEU A 16 4.84 5.52 -39.79
CA LEU A 16 5.71 5.28 -38.64
C LEU A 16 6.55 4.05 -38.80
N ASP A 17 7.86 4.19 -38.57
CA ASP A 17 8.80 3.08 -38.66
C ASP A 17 9.04 2.58 -37.25
N THR A 18 8.62 1.36 -36.95
CA THR A 18 8.78 0.81 -35.60
C THR A 18 9.77 -0.36 -35.53
N ARG A 19 10.66 -0.46 -36.51
CA ARG A 19 11.64 -1.56 -36.58
C ARG A 19 12.77 -1.38 -35.57
N ARG A 20 13.04 -0.14 -35.16
CA ARG A 20 14.06 0.06 -34.14
C ARG A 20 13.44 0.38 -32.79
N GLN A 21 13.83 -0.41 -31.79
CA GLN A 21 13.17 -0.38 -30.49
C GLN A 21 14.21 -0.13 -29.41
N ALA A 22 13.97 0.90 -28.60
CA ALA A 22 14.86 1.30 -27.51
C ALA A 22 14.89 0.30 -26.37
N GLN A 23 16.06 0.17 -25.75
CA GLN A 23 16.21 -0.65 -24.53
C GLN A 23 15.67 0.08 -23.31
N ALA A 24 15.84 1.40 -23.29
CA ALA A 24 15.39 2.22 -22.19
C ALA A 24 13.89 2.47 -22.29
N ALA A 25 13.12 1.40 -22.07
CA ALA A 25 11.66 1.48 -22.05
C ALA A 25 11.11 0.71 -20.85
N TYR A 26 10.19 1.31 -20.10
CA TYR A 26 9.75 0.79 -18.81
C TYR A 26 8.29 1.11 -18.53
N PRO A 27 7.67 0.38 -17.57
CA PRO A 27 6.27 0.60 -17.25
C PRO A 27 6.05 1.96 -16.64
N ARG A 28 4.82 2.47 -16.78
CA ARG A 28 4.39 3.70 -16.11
C ARG A 28 3.73 3.35 -14.78
N ILE A 29 3.50 2.06 -14.54
CA ILE A 29 2.94 1.60 -13.26
C ILE A 29 4.04 1.03 -12.38
N LYS A 30 4.24 1.65 -11.22
CA LYS A 30 5.30 1.27 -10.27
C LYS A 30 4.82 0.88 -8.86
N VAL A 31 3.57 1.20 -8.50
CA VAL A 31 3.08 1.02 -7.14
C VAL A 31 1.70 0.41 -7.09
N LEU A 32 1.50 -0.56 -6.20
CA LEU A 32 0.17 -1.13 -5.96
C LEU A 32 -0.37 -0.70 -4.60
N VAL A 33 -1.59 -0.18 -4.58
CA VAL A 33 -2.15 0.40 -3.33
C VAL A 33 -3.37 -0.31 -2.74
N ILE A 34 -3.36 -0.57 -1.43
CA ILE A 34 -4.45 -1.30 -0.76
C ILE A 34 -5.41 -0.44 0.07
N HIS A 35 -6.72 -0.65 -0.10
CA HIS A 35 -7.78 0.11 0.60
C HIS A 35 -8.81 -0.78 1.31
N TYR A 36 -9.56 -0.20 2.23
CA TYR A 36 -10.86 -0.76 2.61
C TYR A 36 -12.01 0.22 2.29
N THR A 37 -13.20 -0.32 2.06
CA THR A 37 -14.35 0.48 1.61
C THR A 37 -15.11 1.18 2.73
N ALA A 38 -15.04 0.61 3.93
CA ALA A 38 -15.85 1.04 5.07
C ALA A 38 -17.39 1.04 4.79
N ASP A 39 -17.85 0.10 3.96
CA ASP A 39 -19.26 0.07 3.52
C ASP A 39 -19.61 -1.29 2.94
N ASP A 40 -20.90 -1.58 2.81
CA ASP A 40 -21.32 -2.82 2.12
C ASP A 40 -20.95 -2.73 0.63
N PHE A 41 -21.01 -3.88 -0.04
CA PHE A 41 -20.66 -3.99 -1.46
C PHE A 41 -21.43 -3.03 -2.35
N ASP A 42 -22.75 -3.01 -2.22
CA ASP A 42 -23.55 -2.22 -3.15
C ASP A 42 -23.35 -0.72 -3.03
N SER A 43 -23.23 -0.23 -1.80
CA SER A 43 -22.82 1.16 -1.59
C SER A 43 -21.41 1.42 -2.14
N SER A 44 -20.43 0.63 -1.71
CA SER A 44 -19.10 0.76 -2.26
C SER A 44 -19.16 0.94 -3.80
N LEU A 45 -19.71 -0.06 -4.50
CA LEU A 45 -19.84 -0.06 -5.97
C LEU A 45 -20.41 1.22 -6.57
N ALA A 46 -21.56 1.65 -6.06
CA ALA A 46 -22.14 2.94 -6.46
C ALA A 46 -21.15 4.09 -6.27
N THR A 47 -20.51 4.14 -5.09
CA THR A 47 -19.54 5.19 -4.79
C THR A 47 -18.30 5.22 -5.70
N LEU A 48 -17.68 4.05 -5.92
CA LEU A 48 -16.49 3.95 -6.75
C LEU A 48 -16.78 4.20 -8.22
N THR A 49 -18.06 4.29 -8.58
CA THR A 49 -18.45 4.64 -9.95
C THR A 49 -19.15 6.02 -10.07
N ASP A 50 -19.18 6.81 -9.00
CA ASP A 50 -19.65 8.21 -9.09
C ASP A 50 -18.62 9.13 -9.77
N LYS A 51 -18.89 10.43 -9.73
CA LYS A 51 -18.00 11.40 -10.35
C LYS A 51 -16.94 12.01 -9.41
N GLN A 52 -16.84 11.52 -8.18
CA GLN A 52 -15.86 12.04 -7.22
C GLN A 52 -14.66 11.12 -7.03
N VAL A 53 -14.89 9.81 -6.93
CA VAL A 53 -13.79 8.85 -6.73
C VAL A 53 -13.95 7.58 -7.55
N SER A 54 -12.85 6.83 -7.70
CA SER A 54 -12.86 5.52 -8.35
C SER A 54 -11.71 4.62 -7.87
N SER A 55 -11.71 3.38 -8.34
CA SER A 55 -10.59 2.44 -8.15
C SER A 55 -10.52 1.42 -9.29
N HIS A 56 -9.42 0.67 -9.38
CA HIS A 56 -9.26 -0.35 -10.43
C HIS A 56 -9.95 -1.68 -10.10
N TYR A 57 -9.88 -2.12 -8.85
CA TYR A 57 -10.53 -3.36 -8.47
C TYR A 57 -11.35 -3.18 -7.21
N LEU A 58 -12.44 -3.93 -7.12
CA LEU A 58 -13.23 -4.03 -5.90
C LEU A 58 -13.45 -5.51 -5.57
N VAL A 59 -13.01 -5.93 -4.39
CA VAL A 59 -13.09 -7.34 -3.97
C VAL A 59 -14.18 -7.49 -2.91
N PRO A 60 -15.17 -8.38 -3.15
CA PRO A 60 -16.19 -8.48 -2.10
C PRO A 60 -15.62 -9.15 -0.84
N ALA A 61 -16.33 -9.01 0.27
CA ALA A 61 -15.88 -9.51 1.58
C ALA A 61 -15.74 -11.02 1.58
N VAL A 62 -16.64 -11.67 0.85
CA VAL A 62 -16.54 -13.09 0.51
C VAL A 62 -16.95 -13.27 -0.96
N PRO A 63 -15.97 -13.26 -1.89
CA PRO A 63 -16.29 -13.34 -3.32
C PRO A 63 -17.19 -14.53 -3.69
N PRO A 64 -18.22 -14.29 -4.53
CA PRO A 64 -19.04 -15.37 -5.09
C PRO A 64 -18.23 -16.21 -6.07
N ARG A 65 -18.54 -17.50 -6.14
CA ARG A 65 -17.78 -18.44 -6.97
C ARG A 65 -18.48 -18.86 -8.24
N TYR A 66 -17.72 -19.01 -9.31
CA TYR A 66 -18.24 -19.54 -10.58
C TYR A 66 -17.12 -20.38 -11.16
N ASN A 67 -17.46 -21.44 -11.92
CA ASN A 67 -16.42 -22.23 -12.56
C ASN A 67 -15.44 -22.71 -11.49
N GLY A 68 -15.84 -22.58 -10.22
CA GLY A 68 -14.94 -22.74 -9.05
C GLY A 68 -13.95 -21.59 -8.79
N LYS A 69 -14.31 -20.36 -9.14
CA LYS A 69 -13.38 -19.23 -9.10
C LYS A 69 -14.01 -17.97 -8.53
N PRO A 70 -13.33 -17.31 -7.57
CA PRO A 70 -13.85 -16.09 -6.94
C PRO A 70 -13.98 -14.96 -7.94
N ARG A 71 -15.13 -14.30 -7.94
CA ARG A 71 -15.35 -13.19 -8.86
C ARG A 71 -14.93 -11.85 -8.25
N ILE A 72 -13.97 -11.18 -8.89
CA ILE A 72 -13.57 -9.80 -8.53
C ILE A 72 -14.00 -8.80 -9.60
N TRP A 73 -14.42 -7.61 -9.17
CA TRP A 73 -14.93 -6.56 -10.07
C TRP A 73 -13.82 -5.59 -10.50
N GLN A 74 -13.75 -5.29 -11.79
CA GLN A 74 -12.84 -4.25 -12.31
C GLN A 74 -13.64 -3.05 -12.80
N LEU A 75 -13.28 -1.85 -12.33
CA LEU A 75 -14.04 -0.65 -12.67
C LEU A 75 -13.26 0.34 -13.55
N VAL A 76 -11.93 0.23 -13.54
CA VAL A 76 -11.09 1.11 -14.38
C VAL A 76 -10.04 0.24 -15.08
N PRO A 77 -9.87 0.42 -16.40
CA PRO A 77 -8.87 -0.37 -17.10
C PRO A 77 -7.48 0.08 -16.66
N GLU A 78 -6.54 -0.87 -16.53
CA GLU A 78 -5.24 -0.60 -15.90
C GLU A 78 -4.46 0.54 -16.57
N GLN A 79 -4.51 0.58 -17.90
CA GLN A 79 -3.72 1.55 -18.65
C GLN A 79 -4.13 3.01 -18.34
N GLU A 80 -5.27 3.18 -17.67
CA GLU A 80 -5.76 4.50 -17.26
C GLU A 80 -5.69 4.70 -15.74
N LEU A 81 -5.64 5.96 -15.30
CA LEU A 81 -5.57 6.24 -13.88
C LEU A 81 -6.97 6.26 -13.23
N ALA A 82 -7.02 5.87 -11.96
CA ALA A 82 -8.22 5.99 -11.12
C ALA A 82 -8.00 6.98 -9.97
N TRP A 83 -9.07 7.63 -9.57
CA TRP A 83 -9.04 8.57 -8.48
C TRP A 83 -9.19 7.87 -7.13
N HIS A 84 -8.10 7.30 -6.62
CA HIS A 84 -8.17 6.57 -5.36
C HIS A 84 -7.22 7.04 -4.27
N ALA A 85 -6.02 7.48 -4.66
CA ALA A 85 -4.98 7.82 -3.70
C ALA A 85 -5.10 9.22 -3.09
N GLY A 86 -5.57 10.18 -3.89
CA GLY A 86 -5.61 11.60 -3.51
C GLY A 86 -4.25 12.28 -3.37
N ILE A 87 -4.19 13.30 -2.52
CA ILE A 87 -2.91 13.89 -2.13
C ILE A 87 -2.06 12.81 -1.46
N SER A 88 -0.92 12.49 -2.06
CA SER A 88 -0.07 11.39 -1.60
C SER A 88 1.43 11.63 -1.85
N ALA A 89 2.26 10.76 -1.29
CA ALA A 89 3.73 10.84 -1.37
C ALA A 89 4.32 9.50 -0.97
N TRP A 90 5.14 8.92 -1.85
CA TRP A 90 5.87 7.72 -1.53
C TRP A 90 7.22 7.67 -2.26
N ARG A 91 8.29 7.46 -1.48
CA ARG A 91 9.66 7.30 -1.97
C ARG A 91 10.10 8.35 -2.99
N GLY A 92 9.75 9.60 -2.72
CA GLY A 92 10.14 10.71 -3.59
C GLY A 92 9.11 11.05 -4.65
N ALA A 93 8.06 10.25 -4.78
CA ALA A 93 7.00 10.58 -5.72
C ALA A 93 5.82 11.20 -5.01
N THR A 94 5.15 12.10 -5.72
CA THR A 94 3.87 12.65 -5.30
C THR A 94 2.86 12.38 -6.44
N ARG A 95 1.56 12.67 -6.21
CA ARG A 95 0.48 12.40 -7.19
C ARG A 95 0.33 10.92 -7.59
N LEU A 96 0.16 10.07 -6.57
CA LEU A 96 0.29 8.62 -6.75
C LEU A 96 -0.79 7.98 -7.59
N ASN A 97 -1.86 8.70 -7.90
CA ASN A 97 -2.83 8.19 -8.86
C ASN A 97 -2.14 7.84 -10.17
N ASP A 98 -1.24 8.73 -10.58
CA ASP A 98 -0.57 8.68 -11.89
C ASP A 98 0.14 7.38 -12.12
N THR A 99 0.85 6.91 -11.10
CA THR A 99 1.77 5.79 -11.23
C THR A 99 1.39 4.54 -10.42
N SER A 100 0.11 4.37 -10.10
CA SER A 100 -0.31 3.25 -9.25
C SER A 100 -1.61 2.55 -9.69
N ILE A 101 -1.84 1.36 -9.11
CA ILE A 101 -3.09 0.62 -9.28
C ILE A 101 -3.76 0.52 -7.93
N GLY A 102 -5.05 0.81 -7.86
CA GLY A 102 -5.75 0.76 -6.59
C GLY A 102 -6.70 -0.40 -6.44
N ILE A 103 -6.47 -1.26 -5.44
CA ILE A 103 -7.43 -2.32 -5.08
C ILE A 103 -8.24 -1.94 -3.83
N GLU A 104 -9.57 -1.97 -3.95
CA GLU A 104 -10.47 -1.72 -2.82
C GLU A 104 -11.04 -3.06 -2.31
N LEU A 105 -10.91 -3.28 -1.00
CA LEU A 105 -11.49 -4.45 -0.35
C LEU A 105 -12.68 -4.04 0.50
N GLU A 106 -13.76 -4.83 0.44
CA GLU A 106 -14.93 -4.57 1.27
C GLU A 106 -14.57 -4.94 2.69
N ASN A 107 -14.59 -3.94 3.57
CA ASN A 107 -14.27 -4.14 4.97
C ASN A 107 -14.88 -2.97 5.72
N ARG A 108 -15.17 -3.15 6.99
CA ARG A 108 -15.88 -2.14 7.79
C ARG A 108 -14.95 -1.01 8.20
N GLY A 109 -13.67 -1.31 8.40
CA GLY A 109 -12.73 -0.34 8.97
C GLY A 109 -12.82 -0.35 10.49
N TRP A 110 -12.78 0.83 11.09
CA TRP A 110 -12.89 0.94 12.54
C TRP A 110 -14.17 1.66 12.93
N GLN A 111 -14.61 1.41 14.16
CA GLN A 111 -15.69 2.14 14.81
C GLN A 111 -15.38 2.22 16.28
N LYS A 112 -15.85 3.27 16.93
CA LYS A 112 -15.78 3.38 18.39
C LYS A 112 -16.88 2.51 19.00
N SER A 113 -16.47 1.55 19.82
CA SER A 113 -17.36 0.57 20.42
C SER A 113 -17.18 0.59 21.94
N ALA A 114 -17.97 1.44 22.60
CA ALA A 114 -17.77 1.84 24.00
C ALA A 114 -16.58 2.81 24.14
N GLY A 115 -16.46 3.75 23.18
CA GLY A 115 -15.38 4.73 23.14
C GLY A 115 -14.01 4.20 22.72
N VAL A 116 -13.92 2.89 22.50
CA VAL A 116 -12.64 2.18 22.14
C VAL A 116 -12.53 1.86 20.62
N LYS A 117 -11.64 2.59 19.93
CA LYS A 117 -11.42 2.47 18.48
C LYS A 117 -11.03 1.06 18.02
N TYR A 118 -12.05 0.22 17.72
CA TYR A 118 -11.88 -1.18 17.30
C TYR A 118 -11.87 -1.32 15.77
N PHE A 119 -11.01 -2.20 15.25
CA PHE A 119 -10.96 -2.51 13.80
C PHE A 119 -11.62 -3.85 13.48
N ALA A 120 -12.03 -4.01 12.21
CA ALA A 120 -12.72 -5.22 11.73
C ALA A 120 -11.82 -6.12 10.90
N PRO A 121 -11.82 -7.43 11.20
CA PRO A 121 -10.92 -8.42 10.60
C PRO A 121 -11.28 -8.80 9.17
N PHE A 122 -10.27 -9.22 8.42
CA PHE A 122 -10.39 -9.57 7.01
C PHE A 122 -10.64 -11.06 6.85
N GLU A 123 -11.70 -11.39 6.11
CA GLU A 123 -12.08 -12.77 5.84
C GLU A 123 -11.05 -13.56 5.02
N PRO A 124 -10.75 -14.79 5.45
CA PRO A 124 -9.88 -15.68 4.70
C PRO A 124 -10.19 -15.71 3.20
N ALA A 125 -11.47 -15.84 2.86
CA ALA A 125 -11.92 -15.88 1.47
C ALA A 125 -11.58 -14.62 0.64
N GLN A 126 -11.45 -13.48 1.31
CA GLN A 126 -11.11 -12.28 0.61
C GLN A 126 -9.62 -12.34 0.25
N ILE A 127 -8.78 -12.67 1.23
CA ILE A 127 -7.35 -12.80 0.98
C ILE A 127 -7.04 -13.84 -0.13
N GLN A 128 -7.59 -15.05 0.01
CA GLN A 128 -7.52 -16.11 -0.99
C GLN A 128 -7.73 -15.67 -2.45
N ALA A 129 -8.67 -14.73 -2.63
CA ALA A 129 -8.90 -14.15 -3.95
C ALA A 129 -7.87 -13.09 -4.24
N LEU A 130 -7.49 -12.30 -3.22
CA LEU A 130 -6.54 -11.19 -3.43
C LEU A 130 -5.17 -11.68 -3.89
N ILE A 131 -4.69 -12.76 -3.30
CA ILE A 131 -3.39 -13.34 -3.67
C ILE A 131 -3.13 -13.42 -5.21
N PRO A 132 -3.95 -14.21 -5.96
CA PRO A 132 -3.73 -14.39 -7.39
C PRO A 132 -3.70 -13.08 -8.15
N LEU A 133 -4.57 -12.14 -7.80
CA LEU A 133 -4.64 -10.87 -8.50
C LEU A 133 -3.39 -10.05 -8.22
N ALA A 134 -3.07 -9.85 -6.96
CA ALA A 134 -1.87 -9.13 -6.58
C ALA A 134 -0.63 -9.69 -7.29
N LYS A 135 -0.58 -11.00 -7.45
CA LYS A 135 0.58 -11.67 -8.05
C LYS A 135 0.70 -11.38 -9.53
N ASP A 136 -0.43 -11.39 -10.22
CA ASP A 136 -0.50 -11.04 -11.64
C ASP A 136 -0.07 -9.60 -11.92
N ILE A 137 -0.51 -8.67 -11.07
CA ILE A 137 -0.26 -7.24 -11.30
C ILE A 137 1.22 -6.94 -11.09
N ILE A 138 1.79 -7.48 -10.02
CA ILE A 138 3.23 -7.37 -9.72
C ILE A 138 4.09 -7.94 -10.86
N ALA A 139 3.73 -9.13 -11.35
CA ALA A 139 4.45 -9.79 -12.46
C ALA A 139 4.36 -8.99 -13.76
N ARG A 140 3.17 -8.46 -14.05
CA ARG A 140 2.94 -7.68 -15.25
C ARG A 140 3.80 -6.40 -15.31
N TYR A 141 3.87 -5.66 -14.20
CA TYR A 141 4.54 -4.36 -14.23
C TYR A 141 5.91 -4.31 -13.54
N HIS A 142 6.43 -5.48 -13.17
CA HIS A 142 7.67 -5.59 -12.38
C HIS A 142 7.65 -4.68 -11.14
N ILE A 143 6.56 -4.73 -10.37
CA ILE A 143 6.44 -3.95 -9.14
C ILE A 143 7.35 -4.51 -8.06
N LYS A 144 8.05 -3.63 -7.34
CA LYS A 144 9.01 -4.04 -6.30
C LYS A 144 8.35 -4.10 -4.91
N PRO A 145 8.79 -5.01 -4.02
CA PRO A 145 7.96 -5.32 -2.84
C PRO A 145 7.73 -4.11 -1.94
N GLU A 146 8.74 -3.25 -1.85
CA GLU A 146 8.61 -2.03 -1.04
C GLU A 146 7.58 -1.07 -1.62
N ASN A 147 7.03 -1.41 -2.78
CA ASN A 147 6.05 -0.59 -3.45
C ASN A 147 4.65 -1.22 -3.51
N VAL A 148 4.46 -2.26 -2.69
CA VAL A 148 3.13 -2.74 -2.35
C VAL A 148 2.76 -2.07 -1.02
N VAL A 149 1.80 -1.14 -1.01
CA VAL A 149 1.61 -0.28 0.17
C VAL A 149 0.17 -0.11 0.66
N ALA A 150 0.06 0.48 1.85
CA ALA A 150 -1.21 0.84 2.46
C ALA A 150 -1.61 2.23 1.97
N HIS A 151 -2.90 2.50 1.85
CA HIS A 151 -3.32 3.85 1.51
C HIS A 151 -2.68 4.81 2.52
N ALA A 152 -2.67 4.37 3.80
CA ALA A 152 -2.10 5.15 4.92
C ALA A 152 -0.59 5.38 4.80
N ASP A 153 0.14 4.42 4.20
CA ASP A 153 1.58 4.56 4.00
C ASP A 153 1.95 5.81 3.20
N ILE A 154 1.03 6.25 2.33
CA ILE A 154 1.32 7.33 1.36
C ILE A 154 0.54 8.61 1.65
N ALA A 155 -0.46 8.50 2.55
CA ALA A 155 -1.26 9.63 3.04
C ALA A 155 -1.33 9.62 4.59
N PRO A 156 -0.18 9.68 5.28
CA PRO A 156 -0.19 9.32 6.71
C PRO A 156 -1.06 10.20 7.58
N GLN A 157 -1.29 11.46 7.16
CA GLN A 157 -2.06 12.40 7.98
C GLN A 157 -3.58 12.22 7.81
N ARG A 158 -4.00 11.46 6.79
CA ARG A 158 -5.38 11.47 6.31
C ARG A 158 -6.07 10.11 6.33
N LYS A 159 -5.33 9.03 6.12
CA LYS A 159 -5.95 7.73 5.96
C LYS A 159 -5.45 6.65 6.95
N ASP A 160 -6.31 5.70 7.28
CA ASP A 160 -5.92 4.60 8.16
C ASP A 160 -5.82 3.27 7.40
N ASP A 161 -6.57 3.14 6.30
CA ASP A 161 -6.70 1.88 5.54
C ASP A 161 -5.42 1.36 4.89
N PRO A 162 -5.22 0.02 4.92
CA PRO A 162 -6.16 -0.98 5.45
C PRO A 162 -6.15 -1.31 6.96
N GLY A 163 -5.39 -0.58 7.79
CA GLY A 163 -5.39 -0.85 9.25
C GLY A 163 -4.58 -2.06 9.72
N PRO A 164 -4.39 -2.20 11.06
CA PRO A 164 -3.49 -3.17 11.72
C PRO A 164 -3.88 -4.65 11.58
N LEU A 165 -5.15 -4.92 11.26
CA LEU A 165 -5.63 -6.30 11.16
C LEU A 165 -5.46 -6.83 9.74
N PHE A 166 -4.99 -5.96 8.84
CA PHE A 166 -4.69 -6.43 7.52
C PHE A 166 -3.39 -7.27 7.52
N PRO A 167 -3.46 -8.51 7.00
CA PRO A 167 -2.37 -9.47 7.17
C PRO A 167 -1.19 -9.27 6.23
N TRP A 168 -0.35 -8.27 6.48
CA TRP A 168 0.81 -8.03 5.61
C TRP A 168 1.80 -9.18 5.60
N GLN A 169 2.01 -9.83 6.74
CA GLN A 169 3.07 -10.84 6.81
C GLN A 169 2.70 -12.11 6.08
N GLN A 170 1.48 -12.58 6.27
CA GLN A 170 0.99 -13.75 5.57
C GLN A 170 1.21 -13.58 4.08
N LEU A 171 1.10 -12.34 3.60
CA LEU A 171 1.21 -12.04 2.18
C LEU A 171 2.65 -12.01 1.70
N ALA A 172 3.56 -11.62 2.58
CA ALA A 172 4.97 -11.57 2.24
C ALA A 172 5.48 -12.97 1.95
N GLN A 173 5.04 -13.96 2.74
CA GLN A 173 5.35 -15.37 2.52
C GLN A 173 5.03 -15.83 1.10
N GLN A 174 4.16 -15.07 0.41
CA GLN A 174 3.74 -15.38 -0.94
C GLN A 174 4.35 -14.46 -1.99
N GLY A 175 5.49 -13.84 -1.67
CA GLY A 175 6.11 -12.86 -2.57
C GLY A 175 5.26 -11.61 -2.84
N ILE A 176 4.40 -11.27 -1.88
CA ILE A 176 3.54 -10.08 -1.98
C ILE A 176 3.90 -9.02 -0.93
N GLY A 177 4.69 -8.05 -1.34
CA GLY A 177 5.06 -6.92 -0.51
C GLY A 177 6.26 -7.16 0.37
N ALA A 178 6.81 -6.07 0.92
CA ALA A 178 8.04 -6.09 1.72
C ALA A 178 7.86 -6.61 3.16
N TRP A 179 8.90 -7.25 3.69
CA TRP A 179 8.95 -7.74 5.09
C TRP A 179 10.38 -8.16 5.51
N PRO A 180 10.83 -7.67 6.66
CA PRO A 180 12.24 -7.88 7.02
C PRO A 180 12.58 -9.31 7.41
N ASP A 181 13.87 -9.64 7.41
CA ASP A 181 14.40 -10.90 7.97
C ASP A 181 14.42 -10.79 9.49
N ALA A 182 13.87 -11.80 10.18
CA ALA A 182 13.72 -11.75 11.63
C ALA A 182 15.10 -11.66 12.30
N GLN A 183 16.06 -12.38 11.72
CA GLN A 183 17.43 -12.45 12.23
C GLN A 183 18.01 -11.05 12.30
N ARG A 184 17.80 -10.29 11.22
CA ARG A 184 18.40 -8.97 11.05
C ARG A 184 17.72 -7.95 11.95
N VAL A 185 16.43 -8.11 12.18
CA VAL A 185 15.71 -7.27 13.16
C VAL A 185 16.34 -7.46 14.53
N ASN A 186 16.56 -8.74 14.85
CA ASN A 186 17.14 -9.19 16.11
C ASN A 186 18.50 -8.55 16.32
N PHE A 187 19.30 -8.59 15.26
CA PHE A 187 20.61 -7.93 15.21
C PHE A 187 20.49 -6.44 15.52
N TYR A 188 19.55 -5.78 14.85
CA TYR A 188 19.43 -4.33 14.98
C TYR A 188 18.82 -3.87 16.31
N LEU A 189 18.16 -4.78 17.03
CA LEU A 189 17.67 -4.44 18.37
C LEU A 189 18.84 -4.16 19.28
N ALA A 190 19.93 -4.93 19.08
CA ALA A 190 21.20 -4.83 19.83
C ALA A 190 20.97 -5.15 21.31
N GLY A 191 20.10 -6.13 21.54
CA GLY A 191 19.69 -6.54 22.88
C GLY A 191 19.13 -5.45 23.78
N ARG A 192 18.42 -4.50 23.20
CA ARG A 192 17.59 -3.62 24.00
C ARG A 192 16.24 -4.33 24.15
N ALA A 193 15.50 -4.00 25.22
CA ALA A 193 14.13 -4.47 25.36
C ALA A 193 13.25 -3.75 24.32
N PRO A 194 12.36 -4.49 23.61
CA PRO A 194 11.55 -3.98 22.48
C PRO A 194 10.92 -2.58 22.65
N HIS A 195 10.36 -2.28 23.83
CA HIS A 195 9.69 -1.00 24.06
C HIS A 195 10.54 0.11 24.68
N THR A 196 11.87 -0.05 24.62
CA THR A 196 12.76 0.96 25.18
C THR A 196 12.68 2.24 24.34
N PRO A 197 12.36 3.39 24.98
CA PRO A 197 12.28 4.65 24.24
C PRO A 197 13.57 4.90 23.43
N VAL A 198 13.40 5.56 22.27
CA VAL A 198 14.46 5.76 21.29
C VAL A 198 14.25 7.15 20.71
N ASP A 199 15.32 7.84 20.30
CA ASP A 199 15.21 9.22 19.79
C ASP A 199 14.19 9.39 18.64
N THR A 200 13.15 10.18 18.88
CA THR A 200 12.07 10.39 17.90
C THR A 200 12.55 10.85 16.51
N ALA A 201 13.48 11.81 16.48
CA ALA A 201 13.94 12.42 15.23
C ALA A 201 14.75 11.44 14.38
N SER A 202 15.54 10.59 15.03
CA SER A 202 16.27 9.49 14.40
C SER A 202 15.34 8.54 13.65
N LEU A 203 14.19 8.25 14.26
CA LEU A 203 13.26 7.33 13.67
C LEU A 203 12.58 7.97 12.46
N LEU A 204 12.25 9.24 12.56
CA LEU A 204 11.66 9.91 11.41
C LEU A 204 12.62 9.91 10.23
N GLU A 205 13.91 10.13 10.48
CA GLU A 205 14.91 10.17 9.41
C GLU A 205 14.91 8.83 8.69
N LEU A 206 14.86 7.75 9.46
CA LEU A 206 14.79 6.41 8.89
C LEU A 206 13.54 6.22 8.07
N LEU A 207 12.42 6.76 8.56
CA LEU A 207 11.09 6.58 7.93
C LEU A 207 10.92 7.36 6.62
N ALA A 208 11.43 8.59 6.63
CA ALA A 208 11.49 9.44 5.47
C ALA A 208 12.21 8.72 4.33
N ARG A 209 13.41 8.21 4.63
CA ARG A 209 14.24 7.48 3.66
C ARG A 209 13.63 6.17 3.18
N TYR A 210 12.82 5.49 4.00
CA TYR A 210 12.08 4.32 3.51
C TYR A 210 10.94 4.67 2.52
N GLY A 211 10.28 5.80 2.74
CA GLY A 211 9.29 6.30 1.78
C GLY A 211 8.25 7.22 2.38
N TYR A 212 8.25 7.35 3.71
CA TYR A 212 7.23 8.12 4.40
C TYR A 212 7.35 9.62 4.18
N ASP A 213 6.22 10.28 3.99
CA ASP A 213 6.17 11.71 3.80
C ASP A 213 6.50 12.43 5.09
N VAL A 214 7.74 12.91 5.22
CA VAL A 214 8.19 13.58 6.44
C VAL A 214 8.67 15.02 6.17
N LYS A 215 7.88 16.00 6.59
CA LYS A 215 8.20 17.42 6.41
C LYS A 215 9.09 17.95 7.53
N PRO A 216 9.76 19.11 7.30
CA PRO A 216 10.49 19.68 8.43
C PRO A 216 9.53 20.49 9.32
N ASP A 217 9.77 20.46 10.64
CA ASP A 217 8.91 21.15 11.60
C ASP A 217 7.46 20.67 11.54
N MET A 218 7.24 19.43 11.98
CA MET A 218 5.90 18.88 12.14
C MET A 218 5.53 18.91 13.61
N THR A 219 4.24 18.99 13.89
CA THR A 219 3.76 19.02 15.26
C THR A 219 3.84 17.62 15.92
N PRO A 220 3.97 17.57 17.27
CA PRO A 220 4.00 16.25 17.91
C PRO A 220 2.88 15.29 17.44
N ARG A 221 1.68 15.81 17.20
CA ARG A 221 0.58 15.02 16.63
C ARG A 221 0.94 14.48 15.21
N GLU A 222 1.52 15.35 14.38
CA GLU A 222 1.90 14.98 13.01
C GLU A 222 3.00 13.92 13.01
N GLN A 223 3.95 14.05 13.95
CA GLN A 223 5.03 13.06 14.10
C GLN A 223 4.51 11.68 14.46
N ARG A 224 3.47 11.65 15.30
CA ARG A 224 2.83 10.42 15.77
C ARG A 224 2.07 9.71 14.67
N ARG A 225 1.33 10.48 13.87
CA ARG A 225 0.62 9.93 12.72
C ARG A 225 1.59 9.18 11.79
N VAL A 226 2.73 9.79 11.47
CA VAL A 226 3.74 9.16 10.61
C VAL A 226 4.23 7.84 11.21
N ILE A 227 4.73 7.87 12.44
CA ILE A 227 5.15 6.65 13.14
C ILE A 227 4.00 5.63 13.28
N MET A 228 2.80 6.14 13.54
CA MET A 228 1.60 5.33 13.74
C MET A 228 1.24 4.57 12.46
N ALA A 229 1.24 5.29 11.34
CA ALA A 229 1.04 4.67 10.03
C ALA A 229 1.97 3.47 9.84
N PHE A 230 3.28 3.68 10.04
CA PHE A 230 4.29 2.62 9.87
C PHE A 230 4.04 1.40 10.77
N GLN A 231 3.71 1.65 12.04
CA GLN A 231 3.44 0.59 13.00
C GLN A 231 2.25 -0.29 12.59
N MET A 232 1.18 0.33 12.08
CA MET A 232 0.03 -0.46 11.58
C MET A 232 0.41 -1.49 10.50
N HIS A 233 1.34 -1.10 9.61
CA HIS A 233 1.84 -1.98 8.56
C HIS A 233 2.83 -2.97 9.14
N PHE A 234 3.82 -2.45 9.88
CA PHE A 234 5.01 -3.25 10.14
C PHE A 234 5.20 -3.82 11.55
N ARG A 235 4.44 -3.32 12.53
CA ARG A 235 4.51 -3.78 13.91
C ARG A 235 3.14 -3.60 14.62
N PRO A 236 2.11 -4.32 14.14
CA PRO A 236 0.74 -4.04 14.51
C PRO A 236 0.33 -4.32 15.96
N THR A 237 1.20 -4.91 16.78
CA THR A 237 0.82 -5.19 18.17
C THR A 237 0.69 -3.91 19.01
N LEU A 238 1.37 -2.84 18.59
CA LEU A 238 1.28 -1.55 19.27
C LEU A 238 1.53 -0.44 18.25
N TYR A 239 0.54 0.43 18.06
CA TYR A 239 0.64 1.47 17.06
C TYR A 239 0.24 2.84 17.65
N ASN A 240 0.80 3.16 18.83
CA ASN A 240 0.49 4.41 19.51
C ASN A 240 1.30 5.61 19.01
N GLY A 241 2.15 5.35 18.01
CA GLY A 241 2.99 6.36 17.39
C GLY A 241 4.16 6.86 18.23
N GLU A 242 4.55 6.09 19.25
CA GLU A 242 5.73 6.40 20.05
C GLU A 242 6.92 5.60 19.56
N ALA A 243 8.09 6.20 19.61
CA ALA A 243 9.32 5.62 19.06
C ALA A 243 10.08 4.72 20.05
N ASP A 244 10.34 3.48 19.64
CA ASP A 244 11.00 2.50 20.52
C ASP A 244 11.95 1.53 19.81
N ALA A 245 12.85 0.94 20.59
CA ALA A 245 13.90 0.08 20.04
C ALA A 245 13.44 -0.88 18.95
N GLU A 246 12.30 -1.54 19.14
CA GLU A 246 11.80 -2.53 18.15
C GLU A 246 11.36 -1.87 16.84
N THR A 247 10.60 -0.78 16.94
CA THR A 247 10.16 -0.05 15.76
C THR A 247 11.35 0.36 14.91
N GLN A 248 12.38 0.94 15.53
CA GLN A 248 13.58 1.35 14.82
C GLN A 248 14.31 0.15 14.18
N ALA A 249 14.51 -0.92 14.95
CA ALA A 249 15.13 -2.15 14.46
C ALA A 249 14.50 -2.62 13.15
N ILE A 250 13.18 -2.46 13.06
CA ILE A 250 12.45 -2.96 11.90
C ILE A 250 12.69 -2.08 10.69
N ALA A 251 12.61 -0.77 10.88
CA ALA A 251 12.97 0.15 9.81
C ALA A 251 14.44 -0.05 9.40
N GLU A 252 15.33 -0.23 10.36
CA GLU A 252 16.73 -0.43 10.04
C GLU A 252 16.90 -1.63 9.11
N ALA A 253 16.16 -2.70 9.42
CA ALA A 253 16.23 -3.97 8.67
C ALA A 253 15.59 -3.90 7.29
N LEU A 254 14.54 -3.09 7.16
CA LEU A 254 13.89 -2.89 5.88
C LEU A 254 14.77 -2.10 4.88
N LEU A 255 15.43 -1.05 5.37
CA LEU A 255 16.31 -0.21 4.53
C LEU A 255 17.54 -0.99 4.14
N GLU A 256 17.89 -2.00 4.94
CA GLU A 256 19.01 -2.86 4.60
C GLU A 256 18.61 -3.76 3.42
N LYS A 257 17.42 -4.33 3.46
CA LYS A 257 17.03 -5.36 2.51
C LYS A 257 16.55 -4.80 1.17
N TYR A 258 15.94 -3.61 1.20
CA TYR A 258 15.30 -3.03 0.02
C TYR A 258 15.84 -1.65 -0.40
N GLY A 259 16.53 -0.94 0.50
CA GLY A 259 17.13 0.37 0.18
C GLY A 259 16.16 1.55 0.00
N GLN A 260 16.67 2.67 -0.54
CA GLN A 260 15.89 3.94 -0.70
C GLN A 260 15.11 4.13 -2.03
N ASP A 261 15.43 3.29 -3.03
CA ASP A 261 14.48 2.82 -4.07
C ASP A 261 15.11 1.67 -4.88
N ALA B 1 -9.82 5.57 -2.12
CA ALA B 1 -11.12 6.20 -1.74
C ALA B 1 -11.04 7.73 -1.65
N FGA B 2 -9.85 8.30 -1.86
CA FGA B 2 -9.68 9.76 -2.10
C FGA B 2 -8.81 10.44 -1.05
O FGA B 2 -8.99 11.62 -0.77
CB FGA B 2 -9.08 10.00 -3.49
CG FGA B 2 -9.75 11.08 -4.33
CD FGA B 2 -8.93 11.45 -5.60
OE1 FGA B 2 -8.01 10.69 -5.99
OXT FGA B 2 -7.90 9.88 -0.45
N LYS B 3 -9.22 12.60 -6.19
CA LYS B 3 -8.39 13.05 -7.34
C LYS B 3 -7.09 13.66 -6.83
ZN ZN C . -8.04 4.34 1.08
ZN ZN D . -22.72 -7.80 -12.50
CL CL E . -23.32 -14.55 -15.01
#